data_6G57
#
_entry.id   6G57
#
_cell.length_a   92.117
_cell.length_b   92.117
_cell.length_c   219.355
_cell.angle_alpha   90.00
_cell.angle_beta   90.00
_cell.angle_gamma   120.00
#
_symmetry.space_group_name_H-M   'P 61 2 2'
#
loop_
_entity.id
_entity.type
_entity.pdbx_description
1 polymer 'BTB/POZ domain-containing protein KCTD8'
2 water water
#
_entity_poly.entity_id   1
_entity_poly.type   'polypeptide(L)'
_entity_poly.pdbx_seq_one_letter_code
;SMAQDKRSGFLTLGYRGSYTTVRDNQADAKFRRVARIMVCGRIALAKEVFGDTLNESRDPDRQPEKYTSRFYLKFTYLEQ
AFDRLSEAGFHMVACNSSGTAAFVNQYRDDKIWSSYTEYIFFRP
;
_entity_poly.pdbx_strand_id   A,B,C,D
#
# COMPACT_ATOMS: atom_id res chain seq x y z
N LYS A 6 37.51 16.89 -5.52
CA LYS A 6 37.67 15.52 -5.99
C LYS A 6 36.62 15.17 -7.03
N ARG A 7 37.06 14.55 -8.14
CA ARG A 7 36.14 14.16 -9.19
C ARG A 7 35.25 13.00 -8.80
N SER A 8 35.60 12.27 -7.74
CA SER A 8 34.81 11.15 -7.29
C SER A 8 33.67 11.61 -6.39
N GLY A 9 32.66 10.79 -6.26
CA GLY A 9 31.51 11.10 -5.44
C GLY A 9 30.28 10.36 -5.91
N PHE A 10 29.16 10.66 -5.24
CA PHE A 10 27.88 10.03 -5.51
C PHE A 10 26.94 11.01 -6.20
N LEU A 11 25.97 10.45 -6.93
CA LEU A 11 24.92 11.24 -7.57
C LEU A 11 23.63 10.44 -7.51
N THR A 12 22.63 10.98 -6.82
CA THR A 12 21.33 10.34 -6.71
C THR A 12 20.40 10.86 -7.80
N LEU A 13 19.82 9.94 -8.57
CA LEU A 13 18.93 10.28 -9.67
C LEU A 13 17.52 9.84 -9.30
N GLY A 14 16.65 10.81 -9.02
CA GLY A 14 15.28 10.54 -8.63
C GLY A 14 14.33 10.66 -9.81
N TYR A 15 13.33 9.78 -9.83
CA TYR A 15 12.33 9.76 -10.90
C TYR A 15 10.95 9.57 -10.28
N ARG A 16 10.09 10.57 -10.45
CA ARG A 16 8.72 10.53 -9.94
C ARG A 16 7.78 10.30 -11.12
N GLY A 17 7.37 9.06 -11.31
CA GLY A 17 6.49 8.71 -12.41
C GLY A 17 5.10 8.30 -11.96
N SER A 18 4.15 8.29 -12.91
CA SER A 18 2.77 7.93 -12.62
C SER A 18 2.23 7.14 -13.81
N TYR A 19 2.03 5.84 -13.62
CA TYR A 19 1.52 4.98 -14.69
C TYR A 19 0.06 4.59 -14.43
N VAL A 34 5.93 12.81 -19.76
CA VAL A 34 6.61 13.98 -19.22
C VAL A 34 6.56 13.99 -17.70
N ALA A 35 7.49 13.28 -17.07
CA ALA A 35 7.57 13.19 -15.63
C ALA A 35 8.62 14.16 -15.10
N ARG A 36 9.01 14.00 -13.84
CA ARG A 36 10.01 14.84 -13.21
C ARG A 36 11.22 14.01 -12.85
N ILE A 37 12.41 14.55 -13.12
CA ILE A 37 13.67 13.89 -12.84
C ILE A 37 14.49 14.78 -11.90
N MET A 38 14.97 14.20 -10.81
CA MET A 38 15.71 14.92 -9.79
C MET A 38 17.16 14.44 -9.76
N VAL A 39 18.07 15.35 -9.40
CA VAL A 39 19.48 15.05 -9.27
C VAL A 39 19.96 15.63 -7.95
N CYS A 40 20.50 14.77 -7.08
CA CYS A 40 21.04 15.18 -5.79
C CYS A 40 22.50 14.78 -5.70
N GLY A 41 23.27 15.63 -5.02
CA GLY A 41 24.70 15.40 -4.84
C GLY A 41 25.44 16.72 -4.86
N ARG A 42 26.76 16.63 -4.99
CA ARG A 42 27.58 17.82 -5.03
C ARG A 42 27.36 18.58 -6.34
N ILE A 43 27.45 19.90 -6.26
CA ILE A 43 27.11 20.75 -7.40
C ILE A 43 28.10 20.55 -8.54
N ALA A 44 29.39 20.41 -8.21
CA ALA A 44 30.40 20.23 -9.24
C ALA A 44 30.19 18.94 -10.03
N LEU A 45 29.71 17.89 -9.36
CA LEU A 45 29.46 16.64 -10.07
C LEU A 45 28.20 16.74 -10.93
N ALA A 46 27.18 17.45 -10.43
CA ALA A 46 25.93 17.57 -11.19
C ALA A 46 26.12 18.40 -12.44
N LYS A 47 26.92 19.46 -12.36
CA LYS A 47 27.14 20.29 -13.54
C LYS A 47 28.02 19.59 -14.58
N GLU A 48 28.91 18.71 -14.15
CA GLU A 48 29.78 18.01 -15.08
C GLU A 48 28.99 17.01 -15.92
N VAL A 49 28.05 16.29 -15.31
CA VAL A 49 27.34 15.22 -16.00
C VAL A 49 26.13 15.77 -16.75
N PHE A 50 25.43 16.77 -16.21
CA PHE A 50 24.18 17.22 -16.78
C PHE A 50 24.24 18.62 -17.39
N GLY A 51 25.27 19.39 -17.09
CA GLY A 51 25.46 20.66 -17.79
C GLY A 51 24.37 21.66 -17.45
N ASP A 52 23.83 22.30 -18.49
CA ASP A 52 22.84 23.35 -18.34
C ASP A 52 21.41 22.82 -18.25
N THR A 53 21.24 21.53 -17.99
CA THR A 53 19.92 20.96 -17.78
C THR A 53 19.48 21.00 -16.33
N LEU A 54 20.29 21.55 -15.43
CA LEU A 54 19.98 21.57 -14.01
C LEU A 54 19.11 22.78 -13.67
N ASN A 55 18.27 22.59 -12.65
CA ASN A 55 17.43 23.66 -12.11
C ASN A 55 17.33 23.44 -10.61
N GLU A 56 18.04 24.27 -9.84
CA GLU A 56 18.13 24.06 -8.41
C GLU A 56 16.81 24.38 -7.72
N SER A 57 16.48 23.57 -6.71
CA SER A 57 15.28 23.78 -5.88
C SER A 57 15.63 23.34 -4.46
N ARG A 58 16.14 24.29 -3.68
CA ARG A 58 16.56 23.99 -2.31
C ARG A 58 15.34 23.83 -1.41
N ASP A 59 15.33 22.77 -0.61
CA ASP A 59 14.24 22.51 0.33
C ASP A 59 14.70 21.60 1.46
N GLU A 65 21.57 22.10 3.65
CA GLU A 65 22.28 21.62 2.47
C GLU A 65 23.53 22.45 2.20
N LYS A 66 24.69 21.88 2.49
CA LYS A 66 25.98 22.54 2.29
C LYS A 66 26.74 21.83 1.18
N TYR A 67 27.17 22.59 0.17
CA TYR A 67 27.95 22.10 -0.97
C TYR A 67 27.17 21.12 -1.83
N THR A 68 25.98 20.74 -1.40
CA THR A 68 25.11 19.83 -2.15
C THR A 68 23.72 20.42 -2.24
N SER A 69 23.00 20.06 -3.29
CA SER A 69 21.64 20.54 -3.51
C SER A 69 20.92 19.58 -4.44
N ARG A 70 19.65 19.85 -4.69
CA ARG A 70 18.81 19.04 -5.54
C ARG A 70 18.40 19.85 -6.77
N PHE A 71 18.44 19.21 -7.93
CA PHE A 71 18.16 19.87 -9.20
C PHE A 71 17.10 19.10 -9.97
N TYR A 72 16.39 19.82 -10.84
CA TYR A 72 15.45 19.23 -11.77
C TYR A 72 16.04 19.28 -13.18
N LEU A 73 15.80 18.25 -13.96
CA LEU A 73 16.37 18.12 -15.30
C LEU A 73 15.37 18.55 -16.36
N LYS A 74 15.82 19.44 -17.25
CA LYS A 74 15.06 19.85 -18.41
C LYS A 74 15.72 19.32 -19.68
N PHE A 75 14.90 19.12 -20.72
CA PHE A 75 15.37 18.60 -22.01
C PHE A 75 16.10 17.27 -21.86
N THR A 76 15.69 16.46 -20.89
CA THR A 76 16.39 15.21 -20.60
C THR A 76 15.39 14.16 -20.15
N TYR A 77 15.43 12.99 -20.79
CA TYR A 77 14.64 11.85 -20.35
C TYR A 77 15.48 10.97 -19.44
N LEU A 78 14.84 9.92 -18.90
CA LEU A 78 15.55 9.04 -17.96
C LEU A 78 16.65 8.27 -18.66
N GLU A 79 16.40 7.79 -19.89
CA GLU A 79 17.43 7.06 -20.61
C GLU A 79 18.60 7.97 -20.98
N GLN A 80 18.32 9.23 -21.29
CA GLN A 80 19.40 10.17 -21.58
C GLN A 80 20.23 10.45 -20.34
N ALA A 81 19.58 10.56 -19.18
CA ALA A 81 20.31 10.78 -17.94
C ALA A 81 21.24 9.61 -17.63
N PHE A 82 20.82 8.38 -17.97
CA PHE A 82 21.70 7.23 -17.80
C PHE A 82 22.90 7.31 -18.74
N ASP A 83 22.67 7.72 -20.00
CA ASP A 83 23.77 7.84 -20.94
C ASP A 83 24.75 8.92 -20.51
N ARG A 84 24.26 10.01 -19.91
CA ARG A 84 25.15 11.03 -19.39
C ARG A 84 25.95 10.50 -18.21
N LEU A 85 25.34 9.69 -17.35
CA LEU A 85 26.05 9.13 -16.21
C LEU A 85 27.03 8.04 -16.64
N SER A 86 26.66 7.25 -17.65
CA SER A 86 27.55 6.19 -18.10
C SER A 86 28.79 6.74 -18.78
N GLU A 87 28.63 7.75 -19.65
CA GLU A 87 29.77 8.36 -20.30
C GLU A 87 30.63 9.17 -19.35
N ALA A 88 30.05 9.64 -18.24
CA ALA A 88 30.81 10.40 -17.25
C ALA A 88 31.60 9.50 -16.32
N GLY A 89 31.43 8.18 -16.41
CA GLY A 89 32.14 7.25 -15.56
C GLY A 89 31.40 6.78 -14.34
N PHE A 90 30.10 7.04 -14.24
CA PHE A 90 29.32 6.62 -13.08
C PHE A 90 28.70 5.26 -13.31
N HIS A 91 28.45 4.55 -12.21
CA HIS A 91 27.84 3.23 -12.25
C HIS A 91 26.76 3.16 -11.18
N MET A 92 25.66 2.48 -11.50
CA MET A 92 24.57 2.33 -10.55
C MET A 92 25.00 1.44 -9.39
N VAL A 93 24.89 1.95 -8.17
CA VAL A 93 25.30 1.24 -6.96
C VAL A 93 24.10 0.81 -6.14
N ALA A 94 23.23 1.75 -5.80
CA ALA A 94 22.04 1.47 -5.01
C ALA A 94 20.80 1.93 -5.76
N CYS A 95 19.67 1.31 -5.45
CA CYS A 95 18.40 1.63 -6.09
C CYS A 95 17.28 1.48 -5.07
N ASN A 96 16.59 2.57 -4.78
CA ASN A 96 15.48 2.59 -3.83
C ASN A 96 14.21 2.98 -4.60
N SER A 97 13.35 2.00 -4.84
CA SER A 97 12.11 2.20 -5.57
C SER A 97 10.92 1.96 -4.65
N SER A 98 9.87 2.73 -4.87
CA SER A 98 8.65 2.60 -4.08
C SER A 98 7.48 3.12 -4.90
N GLY A 99 6.35 2.43 -4.80
CA GLY A 99 5.17 2.81 -5.56
C GLY A 99 3.91 2.53 -4.78
N THR A 100 2.87 3.31 -5.07
CA THR A 100 1.57 3.15 -4.45
C THR A 100 0.49 3.26 -5.52
N ALA A 101 -0.56 2.46 -5.39
CA ALA A 101 -1.62 2.39 -6.37
C ALA A 101 -2.95 2.81 -5.75
N ALA A 102 -3.90 3.15 -6.61
CA ALA A 102 -5.24 3.54 -6.18
C ALA A 102 -6.24 3.11 -7.24
N PHE A 103 -7.31 2.42 -6.79
CA PHE A 103 -8.34 1.94 -7.71
C PHE A 103 -9.15 3.10 -8.28
N TYR A 107 -13.24 0.87 -11.46
CA TYR A 107 -13.48 -0.48 -10.97
C TYR A 107 -12.28 -0.99 -10.17
N ARG A 108 -12.19 -2.32 -10.04
CA ARG A 108 -11.11 -2.96 -9.30
C ARG A 108 -10.01 -3.53 -10.20
N ASP A 109 -10.22 -3.54 -11.51
CA ASP A 109 -9.22 -4.07 -12.43
C ASP A 109 -8.20 -3.02 -12.87
N ASP A 110 -8.62 -1.78 -13.01
CA ASP A 110 -7.75 -0.69 -13.43
C ASP A 110 -7.26 0.07 -12.21
N LYS A 111 -5.94 0.29 -12.14
CA LYS A 111 -5.33 1.01 -11.02
C LYS A 111 -4.42 2.10 -11.58
N ILE A 112 -4.15 3.08 -10.74
CA ILE A 112 -3.29 4.22 -11.08
C ILE A 112 -2.09 4.19 -10.14
N TRP A 113 -0.93 3.84 -10.68
CA TRP A 113 0.29 3.76 -9.90
C TRP A 113 1.01 5.10 -9.86
N SER A 114 1.58 5.42 -8.70
CA SER A 114 2.38 6.63 -8.51
C SER A 114 3.66 6.21 -7.80
N SER A 115 4.73 6.04 -8.57
CA SER A 115 5.99 5.51 -8.05
C SER A 115 7.05 6.60 -7.98
N TYR A 116 8.07 6.33 -7.18
CA TYR A 116 9.23 7.22 -7.05
C TYR A 116 10.46 6.36 -6.84
N THR A 117 11.44 6.49 -7.72
CA THR A 117 12.64 5.66 -7.70
C THR A 117 13.88 6.53 -7.60
N GLU A 118 14.84 6.09 -6.80
CA GLU A 118 16.13 6.76 -6.66
C GLU A 118 17.23 5.81 -7.11
N TYR A 119 17.97 6.22 -8.13
CA TYR A 119 19.11 5.46 -8.63
C TYR A 119 20.39 6.12 -8.13
N ILE A 120 21.10 5.44 -7.24
CA ILE A 120 22.33 5.97 -6.67
C ILE A 120 23.49 5.57 -7.56
N PHE A 121 24.17 6.57 -8.12
CA PHE A 121 25.34 6.35 -8.96
C PHE A 121 26.60 6.80 -8.24
N PHE A 122 27.73 6.20 -8.60
CA PHE A 122 29.01 6.52 -7.99
C PHE A 122 30.10 6.43 -9.04
N ARG A 123 31.09 7.31 -8.91
CA ARG A 123 32.26 7.31 -9.79
C ARG A 123 33.52 7.23 -8.94
N PRO A 124 34.41 6.25 -9.20
CA PRO A 124 35.68 6.12 -8.47
C PRO A 124 36.60 7.32 -8.66
N ARG B 7 -12.94 -11.29 5.63
CA ARG B 7 -12.41 -11.66 4.32
C ARG B 7 -11.48 -10.59 3.78
N SER B 8 -11.84 -9.33 4.01
CA SER B 8 -11.03 -8.21 3.53
C SER B 8 -9.92 -7.89 4.52
N GLY B 9 -8.89 -7.25 4.03
CA GLY B 9 -7.75 -6.86 4.85
C GLY B 9 -6.50 -6.75 4.00
N PHE B 10 -5.38 -6.54 4.69
CA PHE B 10 -4.09 -6.37 4.05
C PHE B 10 -3.18 -7.55 4.37
N LEU B 11 -2.16 -7.72 3.52
CA LEU B 11 -1.11 -8.72 3.73
C LEU B 11 0.21 -8.12 3.27
N THR B 12 1.25 -8.30 4.09
CA THR B 12 2.57 -7.74 3.82
C THR B 12 3.55 -8.87 3.57
N LEU B 13 4.34 -8.74 2.49
CA LEU B 13 5.38 -9.68 2.15
C LEU B 13 6.75 -9.02 2.30
N GLY B 14 7.67 -9.74 2.92
CA GLY B 14 9.03 -9.24 3.07
C GLY B 14 10.04 -10.13 2.37
N TYR B 15 10.45 -9.74 1.17
CA TYR B 15 11.38 -10.52 0.37
C TYR B 15 12.78 -9.94 0.50
N ARG B 16 13.76 -10.81 0.78
CA ARG B 16 15.16 -10.42 0.95
C ARG B 16 15.99 -11.36 0.07
N GLY B 17 16.08 -11.05 -1.22
CA GLY B 17 16.76 -11.88 -2.18
C GLY B 17 18.07 -11.29 -2.67
N SER B 18 18.71 -12.03 -3.56
CA SER B 18 19.99 -11.63 -4.15
C SER B 18 20.00 -12.00 -5.62
N TYR B 19 20.86 -11.33 -6.37
CA TYR B 19 20.99 -11.56 -7.81
C TYR B 19 22.38 -11.20 -8.31
N ARG B 33 18.26 -17.44 -4.74
CA ARG B 33 17.08 -18.28 -4.59
C ARG B 33 16.94 -18.77 -3.15
N VAL B 34 17.89 -18.40 -2.30
CA VAL B 34 17.86 -18.78 -0.89
C VAL B 34 17.33 -17.61 -0.08
N ALA B 35 16.20 -17.05 -0.51
CA ALA B 35 15.61 -15.89 0.12
C ALA B 35 14.44 -16.29 1.01
N ARG B 36 14.33 -15.63 2.16
CA ARG B 36 13.20 -15.82 3.06
C ARG B 36 12.10 -14.81 2.74
N ILE B 37 10.86 -15.26 2.91
CA ILE B 37 9.68 -14.44 2.59
C ILE B 37 8.91 -14.24 3.89
N MET B 38 9.08 -13.07 4.51
CA MET B 38 8.31 -12.75 5.69
C MET B 38 6.87 -12.39 5.31
N VAL B 39 5.94 -12.73 6.20
CA VAL B 39 4.52 -12.45 6.01
C VAL B 39 4.00 -11.76 7.27
N CYS B 40 3.31 -10.64 7.08
CA CYS B 40 2.71 -9.90 8.18
C CYS B 40 1.28 -9.53 7.84
N GLY B 41 0.39 -9.72 8.79
CA GLY B 41 -1.03 -9.45 8.60
C GLY B 41 -1.85 -10.33 9.50
N ARG B 42 -3.17 -10.30 9.27
CA ARG B 42 -4.08 -11.14 10.03
C ARG B 42 -3.74 -12.61 9.86
N ILE B 43 -3.90 -13.37 10.95
CA ILE B 43 -3.63 -14.81 10.88
C ILE B 43 -4.70 -15.50 10.04
N ALA B 44 -5.92 -14.97 9.99
CA ALA B 44 -6.97 -15.59 9.21
C ALA B 44 -6.70 -15.45 7.71
N LEU B 45 -6.29 -14.26 7.27
CA LEU B 45 -6.01 -14.06 5.86
C LEU B 45 -4.73 -14.79 5.43
N ALA B 46 -3.71 -14.79 6.29
CA ALA B 46 -2.47 -15.46 5.95
C ALA B 46 -2.65 -16.96 5.84
N LYS B 47 -3.47 -17.56 6.72
CA LYS B 47 -3.73 -18.98 6.64
C LYS B 47 -4.56 -19.33 5.42
N GLU B 48 -5.46 -18.44 4.99
CA GLU B 48 -6.31 -18.73 3.85
C GLU B 48 -5.51 -18.75 2.56
N VAL B 49 -4.52 -17.86 2.44
CA VAL B 49 -3.74 -17.72 1.21
C VAL B 49 -2.60 -18.73 1.17
N PHE B 50 -1.84 -18.87 2.25
CA PHE B 50 -0.64 -19.68 2.24
C PHE B 50 -0.82 -21.07 2.84
N GLY B 51 -1.86 -21.27 3.65
CA GLY B 51 -2.13 -22.62 4.15
C GLY B 51 -1.08 -23.09 5.13
N ASP B 52 -0.59 -24.30 4.92
CA ASP B 52 0.38 -24.91 5.82
C ASP B 52 1.81 -24.45 5.56
N THR B 53 2.04 -23.59 4.56
CA THR B 53 3.37 -23.04 4.32
C THR B 53 3.75 -21.96 5.32
N LEU B 54 2.84 -21.59 6.22
CA LEU B 54 3.15 -20.61 7.27
C LEU B 54 3.90 -21.29 8.40
N ASN B 55 4.98 -20.65 8.85
CA ASN B 55 5.77 -21.15 9.96
C ASN B 55 6.22 -19.96 10.80
N GLU B 56 6.20 -20.13 12.12
CA GLU B 56 6.61 -19.09 13.05
C GLU B 56 8.01 -19.40 13.56
N SER B 57 8.94 -18.50 13.29
CA SER B 57 10.32 -18.68 13.72
C SER B 57 10.43 -18.39 15.21
N ARG B 58 10.79 -19.41 16.00
CA ARG B 58 10.95 -19.27 17.43
C ARG B 58 12.37 -18.85 17.82
N ASP B 59 13.03 -18.06 16.98
CA ASP B 59 14.40 -17.62 17.26
C ASP B 59 14.45 -16.12 17.54
N TYR B 67 11.08 -7.56 10.83
CA TYR B 67 10.43 -8.84 11.06
C TYR B 67 9.72 -8.88 12.42
N THR B 68 8.55 -8.23 12.49
CA THR B 68 7.77 -8.17 13.72
C THR B 68 6.74 -9.28 13.83
N SER B 69 6.59 -10.12 12.80
CA SER B 69 5.59 -11.19 12.81
C SER B 69 6.18 -12.57 13.02
N ARG B 70 7.46 -12.77 12.76
CA ARG B 70 8.16 -14.05 12.86
C ARG B 70 7.56 -15.11 11.93
N PHE B 71 6.70 -14.71 10.99
CA PHE B 71 6.09 -15.63 10.04
C PHE B 71 6.89 -15.63 8.74
N TYR B 72 7.19 -16.82 8.23
CA TYR B 72 7.88 -16.97 6.96
C TYR B 72 7.22 -18.10 6.18
N LEU B 73 7.67 -18.29 4.94
CA LEU B 73 7.08 -19.25 4.03
C LEU B 73 8.09 -20.34 3.70
N LYS B 74 7.65 -21.60 3.81
CA LYS B 74 8.45 -22.74 3.42
C LYS B 74 7.88 -23.35 2.14
N PHE B 75 8.77 -23.90 1.32
CA PHE B 75 8.41 -24.53 0.05
C PHE B 75 7.63 -23.57 -0.84
N THR B 76 8.06 -22.30 -0.86
CA THR B 76 7.37 -21.28 -1.63
C THR B 76 8.37 -20.23 -2.08
N TYR B 77 8.43 -19.99 -3.39
CA TYR B 77 9.23 -18.90 -3.94
C TYR B 77 8.40 -17.62 -4.00
N LEU B 78 9.03 -16.54 -4.45
CA LEU B 78 8.31 -15.27 -4.56
C LEU B 78 7.25 -15.32 -5.65
N GLU B 79 7.54 -16.00 -6.76
CA GLU B 79 6.55 -16.14 -7.82
C GLU B 79 5.37 -16.98 -7.38
N GLN B 80 5.62 -18.04 -6.61
CA GLN B 80 4.53 -18.85 -6.10
C GLN B 80 3.68 -18.10 -5.08
N ALA B 81 4.31 -17.22 -4.30
CA ALA B 81 3.55 -16.42 -3.35
C ALA B 81 2.62 -15.44 -4.06
N PHE B 82 3.05 -14.90 -5.20
CA PHE B 82 2.18 -14.01 -5.97
C PHE B 82 1.00 -14.77 -6.55
N ASP B 83 1.20 -16.02 -6.95
CA ASP B 83 0.10 -16.81 -7.51
C ASP B 83 -0.95 -17.12 -6.46
N ARG B 84 -0.52 -17.45 -5.24
CA ARG B 84 -1.48 -17.71 -4.18
C ARG B 84 -2.28 -16.45 -3.83
N LEU B 85 -1.62 -15.29 -3.83
CA LEU B 85 -2.31 -14.05 -3.52
C LEU B 85 -3.27 -13.65 -4.64
N SER B 86 -2.88 -13.90 -5.90
CA SER B 86 -3.73 -13.54 -7.02
C SER B 86 -4.97 -14.43 -7.08
N GLU B 87 -4.80 -15.73 -6.87
CA GLU B 87 -5.94 -16.63 -6.90
C GLU B 87 -6.86 -16.41 -5.71
N ALA B 88 -6.31 -15.99 -4.57
CA ALA B 88 -7.12 -15.66 -3.40
C ALA B 88 -7.87 -14.34 -3.55
N GLY B 89 -7.49 -13.51 -4.51
CA GLY B 89 -8.17 -12.25 -4.74
C GLY B 89 -7.45 -11.02 -4.25
N PHE B 90 -6.14 -11.10 -4.00
CA PHE B 90 -5.37 -9.98 -3.49
C PHE B 90 -4.68 -9.24 -4.63
N HIS B 91 -4.59 -7.92 -4.51
CA HIS B 91 -3.93 -7.08 -5.50
C HIS B 91 -2.82 -6.28 -4.81
N MET B 92 -1.72 -6.07 -5.54
CA MET B 92 -0.60 -5.30 -5.01
C MET B 92 -0.96 -3.82 -5.03
N VAL B 93 -1.11 -3.22 -3.85
CA VAL B 93 -1.49 -1.82 -3.75
C VAL B 93 -0.32 -0.92 -3.37
N ALA B 94 0.77 -1.47 -2.85
CA ALA B 94 1.93 -0.66 -2.47
C ALA B 94 3.17 -1.53 -2.52
N CYS B 95 4.32 -0.88 -2.65
CA CYS B 95 5.58 -1.58 -2.78
C CYS B 95 6.72 -0.63 -2.41
N ASN B 96 7.81 -1.21 -1.91
CA ASN B 96 9.00 -0.42 -1.56
C ASN B 96 10.20 -1.35 -1.62
N SER B 97 11.08 -1.13 -2.59
CA SER B 97 12.28 -1.93 -2.77
C SER B 97 13.51 -1.08 -2.48
N SER B 98 14.58 -1.75 -2.04
CA SER B 98 15.84 -1.08 -1.74
C SER B 98 16.96 -2.08 -1.97
N GLY B 99 17.71 -1.88 -3.06
CA GLY B 99 18.77 -2.81 -3.41
C GLY B 99 20.13 -2.17 -3.57
N THR B 100 21.11 -2.70 -2.85
CA THR B 100 22.49 -2.24 -2.97
C THR B 100 23.29 -3.21 -3.83
N ALA B 101 24.52 -2.84 -4.14
CA ALA B 101 25.40 -3.65 -4.97
C ALA B 101 26.82 -3.60 -4.42
N ALA B 102 27.51 -4.73 -4.49
CA ALA B 102 28.89 -4.86 -4.05
C ALA B 102 29.77 -5.26 -5.23
N PHE B 103 31.08 -5.16 -5.02
CA PHE B 103 32.04 -5.49 -6.07
C PHE B 103 32.01 -6.99 -6.37
N VAL B 104 31.89 -7.33 -7.64
CA VAL B 104 31.85 -8.73 -8.07
C VAL B 104 32.45 -8.87 -9.47
N ASP B 110 29.30 -7.69 -14.24
CA ASP B 110 28.18 -7.27 -13.40
C ASP B 110 28.60 -7.19 -11.94
N LYS B 111 27.60 -7.12 -11.05
CA LYS B 111 27.84 -7.01 -9.62
C LYS B 111 26.81 -7.85 -8.88
N ILE B 112 27.02 -8.00 -7.57
CA ILE B 112 26.12 -8.74 -6.71
C ILE B 112 25.12 -7.76 -6.09
N TRP B 113 23.85 -7.90 -6.44
CA TRP B 113 22.79 -7.03 -5.95
C TRP B 113 22.01 -7.71 -4.84
N SER B 114 21.92 -7.03 -3.69
CA SER B 114 21.15 -7.50 -2.54
C SER B 114 20.00 -6.52 -2.31
N SER B 115 18.78 -6.97 -2.55
CA SER B 115 17.60 -6.11 -2.46
C SER B 115 16.61 -6.68 -1.45
N TYR B 116 16.02 -5.77 -0.67
CA TYR B 116 14.95 -6.10 0.27
C TYR B 116 13.71 -5.33 -0.12
N THR B 117 12.64 -6.05 -0.45
CA THR B 117 11.41 -5.45 -0.96
C THR B 117 10.24 -5.80 -0.04
N GLU B 118 9.39 -4.81 0.22
CA GLU B 118 8.18 -5.01 1.00
C GLU B 118 6.98 -4.82 0.07
N TYR B 119 6.17 -5.86 -0.06
CA TYR B 119 4.97 -5.81 -0.88
C TYR B 119 3.73 -5.71 0.01
N ILE B 120 2.81 -4.85 -0.37
CA ILE B 120 1.56 -4.65 0.36
C ILE B 120 0.42 -5.09 -0.54
N PHE B 121 -0.24 -6.18 -0.17
CA PHE B 121 -1.37 -6.72 -0.92
C PHE B 121 -2.66 -6.44 -0.17
N PHE B 122 -3.75 -6.29 -0.93
CA PHE B 122 -5.05 -5.96 -0.38
C PHE B 122 -6.14 -6.70 -1.14
N ARG B 123 -7.13 -7.19 -0.40
CA ARG B 123 -8.30 -7.84 -0.97
C ARG B 123 -9.56 -7.12 -0.49
N PRO B 124 -10.38 -6.56 -1.39
CA PRO B 124 -11.60 -5.84 -1.01
C PRO B 124 -12.61 -6.73 -0.26
N ARG C 7 -38.32 -14.16 -0.26
CA ARG C 7 -38.68 -13.15 0.73
C ARG C 7 -37.47 -12.73 1.56
N SER C 8 -36.70 -13.71 2.00
CA SER C 8 -35.50 -13.48 2.79
C SER C 8 -34.25 -13.61 1.93
N GLY C 9 -33.24 -12.82 2.27
CA GLY C 9 -32.01 -12.85 1.51
C GLY C 9 -31.11 -11.69 1.89
N PHE C 10 -30.04 -11.54 1.12
CA PHE C 10 -29.03 -10.52 1.35
C PHE C 10 -29.02 -9.50 0.22
N LEU C 11 -28.58 -8.29 0.54
CA LEU C 11 -28.41 -7.22 -0.44
C LEU C 11 -27.18 -6.40 -0.07
N THR C 12 -26.40 -6.01 -1.08
CA THR C 12 -25.16 -5.28 -0.88
C THR C 12 -25.21 -3.98 -1.67
N LEU C 13 -24.82 -2.88 -1.01
CA LEU C 13 -24.81 -1.55 -1.62
C LEU C 13 -23.37 -1.10 -1.77
N GLY C 14 -22.86 -1.14 -3.01
CA GLY C 14 -21.52 -0.67 -3.28
C GLY C 14 -21.50 0.83 -3.58
N TYR C 15 -20.53 1.53 -2.99
CA TYR C 15 -20.40 2.97 -3.15
C TYR C 15 -18.93 3.30 -3.35
N ARG C 16 -18.61 3.98 -4.45
CA ARG C 16 -17.24 4.35 -4.78
C ARG C 16 -17.12 5.87 -4.80
N GLY C 17 -16.02 6.37 -4.22
CA GLY C 17 -15.78 7.80 -4.17
C GLY C 17 -14.32 8.12 -4.46
N SER C 18 -14.07 9.41 -4.74
CA SER C 18 -12.73 9.90 -5.06
C SER C 18 -12.54 11.26 -4.39
N TYR C 19 -12.43 11.24 -3.06
CA TYR C 19 -12.21 12.46 -2.27
C TYR C 19 -10.71 12.67 -2.14
N THR C 20 -10.12 13.37 -3.11
CA THR C 20 -8.69 13.60 -3.12
C THR C 20 -8.30 14.59 -2.03
N THR C 21 -7.00 14.60 -1.72
CA THR C 21 -6.43 15.47 -0.70
C THR C 21 -7.12 15.33 0.65
N ALA C 35 -20.33 9.45 -8.25
CA ALA C 35 -20.39 8.44 -7.20
C ALA C 35 -21.61 7.54 -7.39
N ARG C 36 -21.50 6.58 -8.30
CA ARG C 36 -22.59 5.66 -8.57
C ARG C 36 -22.74 4.66 -7.43
N ILE C 37 -23.94 4.10 -7.32
CA ILE C 37 -24.27 3.13 -6.26
C ILE C 37 -24.60 1.80 -6.93
N MET C 38 -23.91 0.74 -6.49
CA MET C 38 -24.12 -0.59 -7.02
C MET C 38 -24.96 -1.42 -6.05
N VAL C 39 -25.73 -2.35 -6.61
CA VAL C 39 -26.61 -3.23 -5.83
C VAL C 39 -26.32 -4.67 -6.24
N CYS C 40 -26.05 -5.52 -5.25
CA CYS C 40 -25.74 -6.92 -5.49
C CYS C 40 -26.74 -7.79 -4.72
N GLY C 41 -27.31 -8.77 -5.41
CA GLY C 41 -28.28 -9.66 -4.80
C GLY C 41 -29.19 -10.26 -5.85
N ARG C 42 -30.26 -10.89 -5.36
CA ARG C 42 -31.23 -11.49 -6.26
C ARG C 42 -32.04 -10.41 -6.96
N ILE C 43 -32.42 -10.70 -8.21
CA ILE C 43 -33.18 -9.73 -9.00
C ILE C 43 -34.56 -9.51 -8.39
N ALA C 44 -35.12 -10.52 -7.72
CA ALA C 44 -36.43 -10.35 -7.11
C ALA C 44 -36.37 -9.41 -5.92
N LEU C 45 -35.32 -9.52 -5.10
CA LEU C 45 -35.18 -8.66 -3.94
C LEU C 45 -34.75 -7.25 -4.33
N ALA C 46 -33.84 -7.15 -5.31
CA ALA C 46 -33.36 -5.83 -5.72
C ALA C 46 -34.47 -5.03 -6.40
N LYS C 47 -35.30 -5.69 -7.20
CA LYS C 47 -36.40 -5.00 -7.87
C LYS C 47 -37.48 -4.58 -6.89
N GLU C 48 -37.65 -5.34 -5.80
CA GLU C 48 -38.67 -5.01 -4.81
C GLU C 48 -38.28 -3.77 -4.01
N VAL C 49 -37.02 -3.67 -3.60
CA VAL C 49 -36.60 -2.59 -2.73
C VAL C 49 -36.44 -1.29 -3.50
N PHE C 50 -35.81 -1.33 -4.67
CA PHE C 50 -35.44 -0.11 -5.39
C PHE C 50 -36.36 0.20 -6.56
N GLY C 51 -37.34 -0.65 -6.84
CA GLY C 51 -38.33 -0.37 -7.87
C GLY C 51 -37.75 -0.21 -9.27
N ASP C 52 -37.85 0.99 -9.82
CA ASP C 52 -37.36 1.29 -11.16
C ASP C 52 -36.09 2.12 -11.15
N THR C 53 -35.42 2.25 -10.00
CA THR C 53 -34.19 3.02 -9.92
C THR C 53 -32.96 2.21 -10.30
N LEU C 54 -33.05 0.89 -10.28
CA LEU C 54 -31.92 0.04 -10.63
C LEU C 54 -31.97 -0.35 -12.10
N ASN C 55 -30.78 -0.46 -12.69
CA ASN C 55 -30.64 -0.85 -14.09
C ASN C 55 -29.61 -1.98 -14.20
N GLU C 56 -29.83 -2.86 -15.17
CA GLU C 56 -28.96 -4.01 -15.34
C GLU C 56 -27.54 -3.58 -15.66
N SER C 57 -26.57 -4.21 -14.99
CA SER C 57 -25.16 -3.90 -15.20
C SER C 57 -24.50 -4.96 -16.09
N SER C 69 -27.58 -11.16 -9.50
CA SER C 69 -27.20 -10.17 -10.50
C SER C 69 -26.75 -8.87 -9.84
N ARG C 70 -26.15 -7.98 -10.64
CA ARG C 70 -25.67 -6.69 -10.15
C ARG C 70 -26.35 -5.57 -10.92
N PHE C 71 -26.64 -4.48 -10.21
CA PHE C 71 -27.35 -3.35 -10.79
C PHE C 71 -26.77 -2.05 -10.23
N TYR C 72 -27.06 -0.95 -10.92
CA TYR C 72 -26.66 0.37 -10.46
C TYR C 72 -27.91 1.25 -10.36
N LEU C 73 -27.92 2.13 -9.35
CA LEU C 73 -29.10 2.92 -9.04
C LEU C 73 -29.04 4.29 -9.72
N LYS C 74 -30.22 4.83 -10.00
CA LYS C 74 -30.37 6.16 -10.54
C LYS C 74 -31.44 6.92 -9.75
N PHE C 75 -31.30 8.25 -9.71
CA PHE C 75 -32.22 9.12 -8.98
C PHE C 75 -32.31 8.72 -7.50
N THR C 76 -31.18 8.31 -6.93
CA THR C 76 -31.16 7.84 -5.55
C THR C 76 -29.78 8.06 -4.96
N TYR C 77 -29.73 8.70 -3.79
CA TYR C 77 -28.48 8.88 -3.07
C TYR C 77 -28.29 7.75 -2.07
N LEU C 78 -27.23 7.83 -1.27
CA LEU C 78 -26.94 6.79 -0.30
C LEU C 78 -27.93 6.85 0.87
N GLU C 79 -28.34 8.05 1.28
CA GLU C 79 -29.31 8.17 2.36
C GLU C 79 -30.65 7.60 1.96
N GLN C 80 -31.10 7.87 0.72
CA GLN C 80 -32.38 7.34 0.26
C GLN C 80 -32.32 5.82 0.09
N ALA C 81 -31.17 5.28 -0.30
CA ALA C 81 -31.04 3.84 -0.44
C ALA C 81 -31.18 3.14 0.91
N PHE C 82 -30.66 3.76 1.98
CA PHE C 82 -30.82 3.19 3.31
C PHE C 82 -32.27 3.25 3.78
N ASP C 83 -33.00 4.29 3.36
CA ASP C 83 -34.41 4.39 3.74
C ASP C 83 -35.25 3.32 3.05
N ARG C 84 -34.93 3.01 1.79
CA ARG C 84 -35.68 1.98 1.08
C ARG C 84 -35.44 0.60 1.70
N LEU C 85 -34.22 0.35 2.18
CA LEU C 85 -33.95 -0.92 2.83
C LEU C 85 -34.53 -0.97 4.25
N SER C 86 -34.52 0.18 4.94
CA SER C 86 -35.08 0.22 6.28
C SER C 86 -36.59 -0.01 6.25
N GLU C 87 -37.28 0.61 5.29
CA GLU C 87 -38.72 0.44 5.16
C GLU C 87 -39.09 -0.94 4.63
N ALA C 88 -38.17 -1.63 3.96
CA ALA C 88 -38.43 -2.95 3.42
C ALA C 88 -38.14 -4.07 4.42
N GLY C 89 -37.46 -3.77 5.52
CA GLY C 89 -37.15 -4.76 6.53
C GLY C 89 -35.73 -5.28 6.53
N PHE C 90 -34.81 -4.64 5.83
CA PHE C 90 -33.42 -5.08 5.77
C PHE C 90 -32.61 -4.39 6.86
N HIS C 91 -31.82 -5.17 7.59
CA HIS C 91 -30.93 -4.67 8.62
C HIS C 91 -29.49 -4.75 8.16
N MET C 92 -28.71 -3.72 8.44
CA MET C 92 -27.29 -3.72 8.09
C MET C 92 -26.55 -4.70 9.00
N VAL C 93 -25.96 -5.72 8.39
CA VAL C 93 -25.26 -6.76 9.15
C VAL C 93 -23.76 -6.73 8.94
N ALA C 94 -23.25 -6.10 7.89
CA ALA C 94 -21.82 -6.05 7.64
C ALA C 94 -21.48 -4.75 6.91
N CYS C 95 -20.25 -4.28 7.11
CA CYS C 95 -19.78 -3.05 6.50
C CYS C 95 -18.29 -3.19 6.24
N ASN C 96 -17.88 -3.11 4.98
CA ASN C 96 -16.47 -3.23 4.58
C ASN C 96 -16.08 -1.96 3.84
N SER C 97 -15.49 -1.01 4.57
CA SER C 97 -15.03 0.25 4.00
C SER C 97 -13.54 0.15 3.72
N SER C 98 -13.14 0.59 2.53
CA SER C 98 -11.75 0.53 2.11
C SER C 98 -11.36 1.85 1.45
N GLY C 99 -10.06 2.14 1.48
CA GLY C 99 -9.56 3.36 0.89
C GLY C 99 -8.08 3.30 0.58
N THR C 100 -7.73 3.52 -0.69
CA THR C 100 -6.35 3.50 -1.14
C THR C 100 -5.97 4.87 -1.69
N ALA C 101 -4.74 5.29 -1.42
CA ALA C 101 -4.24 6.59 -1.84
C ALA C 101 -3.03 6.42 -2.75
N ALA C 102 -2.73 7.50 -3.48
CA ALA C 102 -1.59 7.50 -4.40
C ALA C 102 -1.17 8.93 -4.64
N PHE C 103 0.11 9.22 -4.46
CA PHE C 103 0.64 10.56 -4.67
C PHE C 103 0.59 10.95 -6.14
N ASP C 110 -2.93 15.22 0.39
CA ASP C 110 -1.86 15.49 -0.58
C ASP C 110 -1.74 14.34 -1.58
N LYS C 111 -2.82 13.58 -1.74
CA LYS C 111 -2.82 12.45 -2.65
C LYS C 111 -4.25 12.24 -3.17
N ILE C 112 -4.38 11.29 -4.10
CA ILE C 112 -5.66 10.95 -4.70
C ILE C 112 -6.19 9.72 -3.96
N TRP C 113 -7.28 9.91 -3.22
CA TRP C 113 -7.91 8.82 -2.47
C TRP C 113 -9.00 8.17 -3.30
N SER C 114 -9.00 6.84 -3.32
CA SER C 114 -10.03 6.04 -4.00
C SER C 114 -10.66 5.13 -2.95
N SER C 115 -11.83 5.52 -2.46
CA SER C 115 -12.52 4.80 -1.40
C SER C 115 -13.66 3.97 -1.97
N TYR C 116 -13.85 2.77 -1.41
CA TYR C 116 -14.95 1.89 -1.79
C TYR C 116 -15.54 1.30 -0.52
N THR C 117 -16.81 1.57 -0.28
CA THR C 117 -17.51 1.08 0.90
C THR C 117 -18.78 0.34 0.46
N GLU C 118 -18.94 -0.88 0.95
CA GLU C 118 -20.13 -1.66 0.67
C GLU C 118 -20.80 -2.07 1.98
N TYR C 119 -22.12 -1.94 2.02
CA TYR C 119 -22.93 -2.29 3.18
C TYR C 119 -23.74 -3.54 2.85
N ILE C 120 -23.62 -4.56 3.68
CA ILE C 120 -24.33 -5.82 3.49
C ILE C 120 -25.57 -5.81 4.38
N PHE C 121 -26.73 -5.92 3.76
CA PHE C 121 -28.01 -5.94 4.46
C PHE C 121 -28.63 -7.33 4.40
N PHE C 122 -29.51 -7.61 5.35
CA PHE C 122 -30.17 -8.90 5.44
C PHE C 122 -31.58 -8.72 5.99
N ARG C 123 -32.52 -9.49 5.46
CA ARG C 123 -33.90 -9.48 5.93
C ARG C 123 -34.29 -10.91 6.27
N PRO C 124 -34.74 -11.20 7.50
CA PRO C 124 -35.15 -12.54 7.92
C PRO C 124 -36.30 -13.10 7.10
N ARG D 7 15.63 3.49 6.77
CA ARG D 7 14.97 4.77 6.55
C ARG D 7 13.57 4.58 6.00
N SER D 8 13.47 3.94 4.84
CA SER D 8 12.19 3.70 4.19
C SER D 8 11.59 2.38 4.68
N GLY D 9 10.32 2.20 4.37
CA GLY D 9 9.60 0.99 4.76
C GLY D 9 8.15 1.29 5.07
N PHE D 10 7.41 0.22 5.32
CA PHE D 10 5.99 0.29 5.63
C PHE D 10 5.75 0.02 7.10
N LEU D 11 4.60 0.49 7.58
CA LEU D 11 4.12 0.22 8.94
C LEU D 11 2.61 0.05 8.89
N THR D 12 2.11 -1.00 9.53
CA THR D 12 0.69 -1.33 9.53
C THR D 12 0.18 -1.35 10.96
N LEU D 13 -0.96 -0.69 11.19
CA LEU D 13 -1.60 -0.64 12.49
C LEU D 13 -2.96 -1.32 12.38
N GLY D 14 -3.11 -2.48 13.01
CA GLY D 14 -4.37 -3.19 13.01
C GLY D 14 -4.91 -3.40 14.41
N TYR D 15 -6.20 -3.09 14.61
CA TYR D 15 -6.81 -3.21 15.92
C TYR D 15 -8.26 -3.63 15.76
N ARG D 16 -8.72 -4.45 16.70
CA ARG D 16 -10.11 -4.91 16.74
C ARG D 16 -10.85 -4.12 17.80
N GLY D 17 -11.88 -3.37 17.38
CA GLY D 17 -12.66 -2.55 18.28
C GLY D 17 -14.13 -2.94 18.28
N SER D 18 -14.86 -2.35 19.24
CA SER D 18 -16.29 -2.59 19.41
C SER D 18 -16.97 -1.23 19.59
N TYR D 19 -17.33 -0.60 18.48
CA TYR D 19 -17.97 0.70 18.52
C TYR D 19 -19.44 0.60 18.09
N VAL D 34 -12.34 -1.34 22.14
CA VAL D 34 -11.00 -1.07 21.64
C VAL D 34 -9.97 -1.98 22.33
N ALA D 35 -9.30 -2.80 21.54
CA ALA D 35 -8.30 -3.72 22.06
C ALA D 35 -6.90 -3.22 21.77
N ARG D 36 -5.95 -4.14 21.61
CA ARG D 36 -4.58 -3.76 21.32
C ARG D 36 -4.43 -3.39 19.84
N ILE D 37 -3.39 -2.61 19.56
CA ILE D 37 -3.09 -2.15 18.20
C ILE D 37 -1.84 -2.89 17.75
N MET D 38 -2.03 -3.92 16.92
CA MET D 38 -0.89 -4.68 16.41
C MET D 38 -0.10 -3.84 15.42
N VAL D 39 1.20 -4.10 15.36
CA VAL D 39 2.12 -3.36 14.50
C VAL D 39 2.82 -4.36 13.58
N CYS D 40 2.79 -4.06 12.28
CA CYS D 40 3.46 -4.86 11.28
C CYS D 40 4.60 -4.05 10.64
N GLY D 41 5.63 -4.77 10.19
CA GLY D 41 6.79 -4.15 9.59
C GLY D 41 8.08 -4.69 10.15
N ARG D 42 9.11 -3.84 10.19
CA ARG D 42 10.40 -4.23 10.73
C ARG D 42 10.52 -3.79 12.18
N ILE D 43 11.29 -4.55 12.96
CA ILE D 43 11.49 -4.21 14.36
C ILE D 43 12.26 -2.91 14.50
N ALA D 44 13.16 -2.61 13.55
CA ALA D 44 13.90 -1.36 13.59
C ALA D 44 12.98 -0.16 13.39
N LEU D 45 11.99 -0.29 12.51
CA LEU D 45 11.05 0.80 12.28
C LEU D 45 10.03 0.92 13.41
N ALA D 46 9.71 -0.19 14.08
CA ALA D 46 8.73 -0.15 15.15
C ALA D 46 9.29 0.55 16.38
N LYS D 47 10.50 0.18 16.80
CA LYS D 47 11.10 0.80 17.97
C LYS D 47 11.54 2.23 17.70
N GLU D 48 11.81 2.59 16.44
CA GLU D 48 12.21 3.96 16.12
C GLU D 48 11.03 4.92 16.27
N VAL D 49 9.84 4.47 15.91
CA VAL D 49 8.66 5.34 15.95
C VAL D 49 7.99 5.31 17.32
N PHE D 50 7.95 4.14 17.97
CA PHE D 50 7.23 3.97 19.22
C PHE D 50 8.21 3.71 20.37
N GLY D 51 7.92 4.34 21.51
CA GLY D 51 8.58 4.02 22.75
C GLY D 51 7.92 2.89 23.51
N ASP D 52 6.83 2.35 22.98
CA ASP D 52 6.11 1.24 23.57
C ASP D 52 6.21 0.01 22.66
N THR D 53 6.10 -1.17 23.27
CA THR D 53 6.16 -2.43 22.54
C THR D 53 5.42 -3.48 23.37
N LEU D 54 5.61 -4.75 23.00
CA LEU D 54 4.98 -5.86 23.69
C LEU D 54 5.76 -7.14 23.36
N ASN D 55 5.22 -8.27 23.80
CA ASN D 55 5.85 -9.57 23.54
C ASN D 55 4.81 -10.58 23.07
N SER D 69 -4.80 -11.25 13.92
CA SER D 69 -3.72 -10.40 14.41
C SER D 69 -2.37 -11.06 14.19
N ARG D 70 -1.96 -11.89 15.16
CA ARG D 70 -0.68 -12.59 15.08
C ARG D 70 0.49 -11.63 14.89
N PHE D 71 0.85 -10.91 15.95
CA PHE D 71 2.00 -10.01 15.89
C PHE D 71 2.74 -10.05 17.22
N TYR D 72 4.07 -10.11 17.16
CA TYR D 72 4.84 -10.20 18.39
C TYR D 72 4.80 -8.89 19.18
N LEU D 73 4.76 -7.76 18.49
CA LEU D 73 4.71 -6.45 19.11
C LEU D 73 3.31 -5.86 18.99
N LYS D 74 2.94 -5.05 19.98
CA LYS D 74 1.62 -4.43 20.00
C LYS D 74 1.67 -3.19 20.87
N PHE D 75 0.88 -2.19 20.50
CA PHE D 75 0.79 -0.93 21.23
C PHE D 75 -0.62 -0.77 21.77
N THR D 76 -0.72 -0.37 23.05
CA THR D 76 -2.00 -0.10 23.70
C THR D 76 -2.00 1.36 24.11
N TYR D 77 -2.76 2.19 23.39
CA TYR D 77 -2.76 3.62 23.63
C TYR D 77 -4.16 4.16 23.37
N LEU D 78 -4.27 5.49 23.26
CA LEU D 78 -5.54 6.16 23.00
C LEU D 78 -5.77 6.42 21.52
N GLU D 79 -5.13 5.62 20.64
CA GLU D 79 -5.31 5.71 19.20
C GLU D 79 -4.81 7.01 18.61
N GLN D 80 -3.99 7.76 19.36
CA GLN D 80 -3.36 8.98 18.87
C GLN D 80 -1.94 8.75 18.40
N ALA D 81 -1.61 7.53 17.98
CA ALA D 81 -0.28 7.22 17.49
C ALA D 81 -0.02 7.76 16.09
N PHE D 82 -1.04 8.33 15.44
CA PHE D 82 -0.83 8.92 14.12
C PHE D 82 0.19 10.04 14.17
N ASP D 83 0.21 10.79 15.28
CA ASP D 83 1.20 11.86 15.44
C ASP D 83 2.61 11.29 15.53
N ARG D 84 2.79 10.20 16.29
CA ARG D 84 4.09 9.54 16.33
C ARG D 84 4.49 8.98 14.98
N LEU D 85 3.54 8.80 14.07
CA LEU D 85 3.83 8.34 12.72
C LEU D 85 3.93 9.49 11.72
N SER D 86 3.17 10.56 11.91
CA SER D 86 3.19 11.67 10.96
C SER D 86 4.50 12.45 11.04
N GLU D 87 4.86 12.89 12.25
CA GLU D 87 6.09 13.65 12.42
C GLU D 87 7.34 12.80 12.21
N ALA D 88 7.21 11.47 12.28
CA ALA D 88 8.34 10.58 12.03
C ALA D 88 8.61 10.39 10.54
N GLY D 89 7.72 10.83 9.67
CA GLY D 89 7.91 10.75 8.23
C GLY D 89 6.94 9.84 7.51
N PHE D 90 6.07 9.13 8.24
CA PHE D 90 5.12 8.21 7.62
C PHE D 90 3.83 8.94 7.25
N HIS D 91 3.20 8.46 6.18
CA HIS D 91 1.95 9.02 5.68
C HIS D 91 0.98 7.88 5.41
N MET D 92 -0.30 8.13 5.69
CA MET D 92 -1.33 7.12 5.46
C MET D 92 -1.56 6.94 3.97
N VAL D 93 -1.29 5.74 3.46
CA VAL D 93 -1.45 5.46 2.04
C VAL D 93 -2.60 4.51 1.75
N ALA D 94 -3.09 3.76 2.74
CA ALA D 94 -4.19 2.84 2.52
C ALA D 94 -4.90 2.60 3.84
N CYS D 95 -6.17 2.20 3.75
CA CYS D 95 -6.99 1.97 4.92
C CYS D 95 -8.12 1.02 4.56
N ASN D 96 -8.48 0.14 5.49
CA ASN D 96 -9.57 -0.80 5.29
C ASN D 96 -10.19 -1.12 6.64
N SER D 97 -11.51 -0.94 6.73
CA SER D 97 -12.26 -1.23 7.95
C SER D 97 -13.40 -2.18 7.61
N SER D 98 -13.46 -3.30 8.32
CA SER D 98 -14.49 -4.31 8.12
C SER D 98 -15.17 -4.59 9.45
N GLY D 99 -16.49 -4.44 9.50
CA GLY D 99 -17.24 -4.65 10.72
C GLY D 99 -18.48 -5.48 10.48
N THR D 100 -18.87 -6.22 11.51
CA THR D 100 -20.06 -7.05 11.48
C THR D 100 -20.91 -6.77 12.72
N ALA D 101 -22.23 -6.93 12.56
CA ALA D 101 -23.16 -6.69 13.65
C ALA D 101 -23.45 -7.97 14.42
N LYS D 111 -28.07 -3.61 17.99
CA LYS D 111 -26.93 -4.51 18.06
C LYS D 111 -25.63 -3.73 18.23
N ILE D 112 -24.53 -4.46 18.44
CA ILE D 112 -23.22 -3.87 18.64
C ILE D 112 -22.31 -4.34 17.52
N TRP D 113 -21.55 -3.41 16.94
CA TRP D 113 -20.64 -3.71 15.83
C TRP D 113 -19.25 -4.05 16.34
N SER D 114 -18.68 -5.10 15.77
CA SER D 114 -17.32 -5.55 16.09
C SER D 114 -16.50 -5.40 14.81
N SER D 115 -15.71 -4.33 14.72
CA SER D 115 -14.95 -4.01 13.53
C SER D 115 -13.47 -4.30 13.73
N TYR D 116 -12.74 -4.34 12.61
CA TYR D 116 -11.31 -4.54 12.61
C TYR D 116 -10.71 -3.63 11.54
N THR D 117 -10.02 -2.58 11.97
CA THR D 117 -9.49 -1.57 11.06
C THR D 117 -7.99 -1.75 10.90
N GLU D 118 -7.52 -1.60 9.66
CA GLU D 118 -6.09 -1.70 9.33
C GLU D 118 -5.68 -0.43 8.61
N TYR D 119 -4.67 0.26 9.15
CA TYR D 119 -4.09 1.44 8.52
C TYR D 119 -2.72 1.09 7.96
N ILE D 120 -2.40 1.67 6.79
CA ILE D 120 -1.14 1.42 6.11
C ILE D 120 -0.39 2.74 6.03
N PHE D 121 0.80 2.77 6.63
CA PHE D 121 1.65 3.95 6.62
C PHE D 121 2.97 3.62 5.91
N PHE D 122 3.53 4.64 5.26
CA PHE D 122 4.76 4.48 4.49
C PHE D 122 5.61 5.74 4.61
N ARG D 123 6.92 5.54 4.71
CA ARG D 123 7.88 6.63 4.75
C ARG D 123 8.86 6.47 3.60
N PRO D 124 9.02 7.49 2.73
CA PRO D 124 9.95 7.43 1.59
C PRO D 124 11.40 7.23 2.02
#